data_4HUR
#
_entry.id   4HUR
#
_cell.length_a   92.910
_cell.length_b   184.545
_cell.length_c   98.997
_cell.angle_alpha   90.00
_cell.angle_beta   90.00
_cell.angle_gamma   90.00
#
_symmetry.space_group_name_H-M   'C 2 2 21'
#
loop_
_entity.id
_entity.type
_entity.pdbx_description
1 polymer 'Virginiamycin A acetyltransferase'
2 non-polymer 'ACETYL COENZYME *A'
3 non-polymer 'SULFATE ION'
4 non-polymer 1,2-ETHANEDIOL
5 non-polymer 'SODIUM ION'
6 non-polymer 'CHLORIDE ION'
7 water water
#
_entity_poly.entity_id   1
_entity_poly.type   'polypeptide(L)'
_entity_poly.pdbx_seq_one_letter_code
;GMNLNNDHGPDPENILPIKGNRNLQFIKPTITNENILVGEYSYYDSKRGESFEDQVLYHYEVIGDKLIIGRFCSIGPGTT
FIMNGANHRMDGSTYPFHLFRMGWEKYMPSLKDLPLKGDIEIGNDVWIGRDVTIMPGVKIGDGAIIAAEAVVTKNVAPYS
IVGGNPLKFIRKRFSDGVIEEWLALQWWNLDMKIINENLPFIINGDIEMLKRKRKLLDDT
;
_entity_poly.pdbx_strand_id   A,B,C
#
# COMPACT_ATOMS: atom_id res chain seq x y z
N HIS A 8 -1.29 21.60 -33.42
CA HIS A 8 -2.12 20.42 -33.14
C HIS A 8 -1.79 19.73 -31.83
N GLY A 9 -2.83 19.32 -31.14
CA GLY A 9 -2.71 18.80 -29.80
C GLY A 9 -3.20 19.83 -28.81
N PRO A 10 -3.22 19.47 -27.54
CA PRO A 10 -3.76 20.35 -26.50
C PRO A 10 -2.80 21.48 -26.17
N ASP A 11 -3.31 22.48 -25.47
CA ASP A 11 -2.50 23.55 -24.93
C ASP A 11 -1.90 23.05 -23.61
N PRO A 12 -0.56 22.98 -23.55
CA PRO A 12 0.10 22.54 -22.32
C PRO A 12 -0.09 23.52 -21.14
N GLU A 13 -0.69 24.67 -21.40
CA GLU A 13 -1.04 25.61 -20.34
C GLU A 13 -2.45 25.38 -19.81
N ASN A 14 -3.18 24.48 -20.45
CA ASN A 14 -4.53 24.15 -20.02
C ASN A 14 -4.46 23.20 -18.83
N ILE A 15 -5.02 23.61 -17.69
CA ILE A 15 -5.03 22.75 -16.52
C ILE A 15 -5.89 21.49 -16.74
N LEU A 16 -7.07 21.67 -17.31
CA LEU A 16 -7.97 20.56 -17.58
C LEU A 16 -8.21 20.40 -19.08
N PRO A 17 -7.33 19.65 -19.76
CA PRO A 17 -7.31 19.56 -21.22
C PRO A 17 -8.33 18.58 -21.82
N ILE A 18 -8.89 17.71 -21.00
CA ILE A 18 -9.88 16.76 -21.51
C ILE A 18 -11.28 17.20 -21.14
N LYS A 19 -12.15 17.33 -22.15
CA LYS A 19 -13.46 17.98 -21.99
C LYS A 19 -14.32 17.48 -20.83
N GLY A 20 -14.59 16.19 -20.77
CA GLY A 20 -15.46 15.70 -19.72
C GLY A 20 -14.75 15.52 -18.40
N ASN A 21 -13.43 15.64 -18.42
CA ASN A 21 -12.61 15.16 -17.32
C ASN A 21 -12.21 16.25 -16.31
N ARG A 22 -12.58 16.03 -15.05
CA ARG A 22 -12.22 16.96 -13.99
C ARG A 22 -11.05 16.47 -13.15
N ASN A 23 -10.56 15.27 -13.45
CA ASN A 23 -9.51 14.66 -12.64
C ASN A 23 -8.12 14.78 -13.23
N LEU A 24 -8.04 14.64 -14.54
CA LEU A 24 -6.77 14.63 -15.23
C LEU A 24 -6.28 16.06 -15.45
N GLN A 25 -5.12 16.39 -14.88
CA GLN A 25 -4.58 17.75 -14.96
C GLN A 25 -3.20 17.77 -15.56
N PHE A 26 -2.93 18.75 -16.43
CA PHE A 26 -1.56 19.03 -16.83
C PHE A 26 -0.88 19.63 -15.60
N ILE A 27 0.27 19.07 -15.22
CA ILE A 27 0.89 19.46 -13.97
C ILE A 27 1.46 20.88 -13.96
N LYS A 28 2.33 21.17 -14.93
CA LYS A 28 3.06 22.44 -14.99
C LYS A 28 2.24 23.71 -14.67
N PRO A 29 1.08 23.89 -15.32
CA PRO A 29 0.32 25.10 -15.01
C PRO A 29 -0.36 25.11 -13.62
N THR A 30 -0.32 24.01 -12.87
CA THR A 30 -0.92 24.01 -11.53
C THR A 30 0.11 24.33 -10.46
N ILE A 31 1.38 24.27 -10.83
CA ILE A 31 2.46 24.44 -9.88
C ILE A 31 2.52 25.86 -9.33
N THR A 32 2.43 26.00 -8.01
CA THR A 32 2.49 27.30 -7.37
C THR A 32 3.74 27.43 -6.52
N ASN A 33 4.38 26.29 -6.25
CA ASN A 33 5.51 26.25 -5.35
C ASN A 33 6.86 26.35 -6.03
N GLU A 34 7.87 26.65 -5.23
CA GLU A 34 9.23 26.71 -5.69
C GLU A 34 9.80 25.31 -5.54
N ASN A 35 10.88 25.04 -6.25
CA ASN A 35 11.59 23.77 -6.14
C ASN A 35 10.77 22.58 -6.61
N ILE A 36 9.74 22.86 -7.41
CA ILE A 36 9.02 21.83 -8.14
C ILE A 36 9.02 22.17 -9.63
N LEU A 37 9.81 21.45 -10.41
CA LEU A 37 9.98 21.73 -11.83
C LEU A 37 9.40 20.61 -12.68
N VAL A 38 8.36 20.92 -13.44
CA VAL A 38 7.65 19.90 -14.20
C VAL A 38 7.45 20.34 -15.65
N GLY A 39 7.84 19.47 -16.58
CA GLY A 39 7.78 19.79 -17.99
C GLY A 39 6.37 19.76 -18.57
N GLU A 40 6.24 20.34 -19.76
CA GLU A 40 4.98 20.39 -20.48
C GLU A 40 4.44 19.00 -20.83
N TYR A 41 3.11 18.93 -20.93
CA TYR A 41 2.38 17.72 -21.30
C TYR A 41 2.38 16.61 -20.23
N SER A 42 3.21 16.76 -19.21
CA SER A 42 3.20 15.83 -18.09
CA SER A 42 3.20 15.83 -18.09
C SER A 42 1.92 16.02 -17.29
N TYR A 43 1.23 14.92 -16.99
CA TYR A 43 -0.07 15.03 -16.35
C TYR A 43 -0.19 14.18 -15.07
N TYR A 44 -1.09 14.59 -14.20
CA TYR A 44 -1.45 13.83 -13.03
C TYR A 44 -2.93 13.50 -13.11
N ASP A 45 -3.26 12.21 -13.14
CA ASP A 45 -4.65 11.79 -13.16
C ASP A 45 -5.10 11.59 -11.72
N SER A 46 -5.68 12.62 -11.15
CA SER A 46 -6.00 12.66 -9.75
C SER A 46 -7.14 11.69 -9.33
N LYS A 47 -7.06 11.19 -8.11
CA LYS A 47 -8.08 10.30 -7.59
C LYS A 47 -9.46 10.89 -7.44
N ARG A 48 -9.53 12.07 -6.85
CA ARG A 48 -10.80 12.61 -6.38
C ARG A 48 -11.13 13.93 -7.01
N GLY A 49 -10.31 14.91 -6.73
CA GLY A 49 -9.77 15.91 -7.62
C GLY A 49 -8.47 16.57 -7.15
N GLU A 50 -7.64 15.96 -6.29
CA GLU A 50 -6.64 16.78 -5.63
C GLU A 50 -5.60 17.28 -6.64
N SER A 51 -4.83 18.28 -6.22
CA SER A 51 -3.80 18.84 -7.08
C SER A 51 -2.53 18.03 -6.94
N PHE A 52 -1.66 18.14 -7.95
CA PHE A 52 -0.38 17.44 -7.93
C PHE A 52 0.45 17.82 -6.70
N GLU A 53 0.42 19.11 -6.35
CA GLU A 53 1.23 19.62 -5.23
C GLU A 53 0.84 19.01 -3.90
N ASP A 54 -0.42 18.62 -3.77
CA ASP A 54 -0.92 17.95 -2.58
C ASP A 54 -0.23 16.60 -2.35
N GLN A 55 0.33 16.04 -3.42
CA GLN A 55 0.96 14.73 -3.40
C GLN A 55 2.44 14.83 -3.05
N VAL A 56 2.96 16.04 -2.96
CA VAL A 56 4.35 16.26 -2.63
C VAL A 56 4.48 16.57 -1.15
N LEU A 57 5.10 15.64 -0.41
CA LEU A 57 5.07 15.68 1.04
C LEU A 57 6.45 15.93 1.65
N TYR A 58 6.46 16.56 2.82
CA TYR A 58 7.69 16.86 3.56
C TYR A 58 8.67 17.69 2.73
N HIS A 59 8.11 18.61 1.95
CA HIS A 59 8.89 19.46 1.06
C HIS A 59 9.05 20.83 1.70
N TYR A 60 10.22 21.07 2.29
CA TYR A 60 10.42 22.28 3.07
C TYR A 60 11.49 23.17 2.43
N GLU A 61 11.17 24.45 2.30
CA GLU A 61 12.04 25.43 1.67
C GLU A 61 13.43 25.47 2.32
N VAL A 62 13.47 25.25 3.63
CA VAL A 62 14.73 25.31 4.37
C VAL A 62 15.65 24.16 4.00
N ILE A 63 15.07 23.05 3.55
CA ILE A 63 15.88 21.92 3.11
C ILE A 63 16.44 22.22 1.73
N GLY A 64 15.60 22.82 0.89
CA GLY A 64 16.04 23.26 -0.42
C GLY A 64 16.08 22.18 -1.49
N ASP A 65 15.58 20.99 -1.19
CA ASP A 65 15.57 19.93 -2.18
C ASP A 65 14.51 20.19 -3.24
N LYS A 66 14.67 19.57 -4.40
CA LYS A 66 13.80 19.85 -5.53
C LYS A 66 13.15 18.59 -6.08
N LEU A 67 11.91 18.74 -6.55
CA LEU A 67 11.25 17.71 -7.31
C LEU A 67 11.29 18.11 -8.78
N ILE A 68 11.95 17.30 -9.59
CA ILE A 68 12.11 17.57 -11.02
C ILE A 68 11.47 16.46 -11.86
N ILE A 69 10.57 16.87 -12.74
CA ILE A 69 9.91 15.94 -13.64
C ILE A 69 9.98 16.47 -15.08
N GLY A 70 10.33 15.57 -16.00
CA GLY A 70 10.45 15.95 -17.41
C GLY A 70 9.11 16.12 -18.12
N ARG A 71 9.13 15.93 -19.43
CA ARG A 71 7.95 16.12 -20.27
C ARG A 71 7.26 14.81 -20.62
N PHE A 72 5.97 14.91 -20.94
CA PHE A 72 5.18 13.77 -21.42
C PHE A 72 5.16 12.59 -20.44
N CYS A 73 5.15 12.91 -19.16
CA CYS A 73 5.07 11.88 -18.13
C CYS A 73 3.60 11.59 -17.78
N SER A 74 3.31 10.32 -17.49
CA SER A 74 1.98 9.93 -17.05
C SER A 74 2.03 9.49 -15.59
N ILE A 75 1.46 10.30 -14.70
CA ILE A 75 1.52 10.04 -13.28
C ILE A 75 0.14 9.59 -12.71
N GLY A 76 0.08 8.34 -12.27
CA GLY A 76 -1.17 7.75 -11.84
C GLY A 76 -1.70 8.30 -10.51
N PRO A 77 -3.00 8.09 -10.28
CA PRO A 77 -3.69 8.59 -9.08
C PRO A 77 -3.10 8.07 -7.78
N GLY A 78 -2.92 8.97 -6.82
CA GLY A 78 -2.49 8.58 -5.48
C GLY A 78 -0.98 8.42 -5.38
N THR A 79 -0.28 8.73 -6.47
CA THR A 79 1.16 8.73 -6.47
C THR A 79 1.63 9.81 -5.52
N THR A 80 2.57 9.48 -4.64
CA THR A 80 3.08 10.47 -3.69
C THR A 80 4.58 10.59 -3.78
N PHE A 81 5.06 11.80 -3.49
CA PHE A 81 6.48 12.10 -3.56
C PHE A 81 6.95 12.50 -2.17
N ILE A 82 7.79 11.66 -1.59
CA ILE A 82 8.30 11.87 -0.23
C ILE A 82 9.61 12.62 -0.32
N MET A 83 9.59 13.89 0.10
CA MET A 83 10.80 14.71 0.06
C MET A 83 11.64 14.53 1.32
N ASN A 84 12.75 15.26 1.43
CA ASN A 84 13.73 14.98 2.46
C ASN A 84 13.34 15.34 3.89
N GLY A 85 12.25 16.08 4.04
CA GLY A 85 11.78 16.46 5.36
C GLY A 85 11.23 15.30 6.17
N ALA A 86 11.05 14.16 5.51
CA ALA A 86 10.42 13.00 6.14
C ALA A 86 11.38 12.17 7.00
N ASN A 87 12.67 12.45 6.88
CA ASN A 87 13.65 11.67 7.62
C ASN A 87 14.13 12.34 8.90
N HIS A 88 14.20 11.55 9.96
CA HIS A 88 14.67 12.01 11.25
C HIS A 88 16.16 11.81 11.36
N ARG A 89 16.78 12.48 12.32
CA ARG A 89 18.19 12.24 12.63
C ARG A 89 18.32 10.82 13.19
N MET A 90 19.40 10.12 12.82
CA MET A 90 19.55 8.70 13.13
C MET A 90 20.85 8.36 13.88
N ASP A 91 21.53 9.38 14.40
CA ASP A 91 22.75 9.17 15.17
C ASP A 91 22.44 8.63 16.55
N GLY A 92 21.43 9.21 17.19
CA GLY A 92 21.00 8.76 18.49
C GLY A 92 19.52 8.43 18.43
N SER A 93 18.75 9.00 19.36
CA SER A 93 17.30 8.85 19.31
C SER A 93 16.74 9.53 18.06
N THR A 94 15.72 8.91 17.47
CA THR A 94 15.09 9.44 16.29
C THR A 94 14.00 10.43 16.69
N TYR A 95 13.73 10.52 17.99
CA TYR A 95 12.64 11.35 18.46
C TYR A 95 12.96 12.83 18.21
N PRO A 96 12.02 13.56 17.60
CA PRO A 96 12.22 14.96 17.21
C PRO A 96 11.87 15.94 18.33
N PHE A 97 12.71 15.97 19.37
CA PHE A 97 12.47 16.81 20.53
C PHE A 97 12.19 18.27 20.16
N HIS A 98 12.94 18.79 19.21
CA HIS A 98 12.87 20.21 18.85
C HIS A 98 11.47 20.68 18.43
N LEU A 99 10.67 19.77 17.87
CA LEU A 99 9.36 20.13 17.37
C LEU A 99 8.43 20.63 18.47
N PHE A 100 8.68 20.17 19.68
CA PHE A 100 7.77 20.44 20.80
C PHE A 100 8.11 21.70 21.58
N ARG A 101 9.27 22.28 21.27
CA ARG A 101 9.73 23.50 21.93
C ARG A 101 9.70 23.39 23.45
N MET A 102 9.13 24.40 24.11
CA MET A 102 9.10 24.47 25.58
C MET A 102 10.49 24.26 26.16
N GLY A 103 11.49 24.77 25.46
CA GLY A 103 12.87 24.60 25.86
C GLY A 103 13.65 23.70 24.90
N TRP A 104 12.94 22.81 24.23
CA TRP A 104 13.59 21.83 23.36
C TRP A 104 13.96 22.38 21.98
N GLU A 105 13.55 23.62 21.69
CA GLU A 105 13.88 24.22 20.40
C GLU A 105 15.38 24.35 20.18
N LYS A 106 16.15 24.29 21.27
CA LYS A 106 17.61 24.35 21.22
C LYS A 106 18.19 23.24 20.38
N TYR A 107 17.52 22.09 20.38
CA TYR A 107 18.04 20.89 19.73
C TYR A 107 17.61 20.76 18.27
N MET A 108 17.27 21.88 17.65
CA MET A 108 16.95 21.87 16.23
C MET A 108 18.12 21.32 15.46
N PRO A 109 17.89 20.31 14.67
CA PRO A 109 18.97 19.66 13.93
C PRO A 109 19.40 20.48 12.73
N SER A 110 20.69 20.40 12.41
CA SER A 110 21.22 21.08 11.25
CA SER A 110 21.22 21.08 11.25
C SER A 110 21.26 20.13 10.06
N LEU A 111 21.36 20.69 8.85
CA LEU A 111 21.33 19.90 7.62
C LEU A 111 22.38 18.80 7.56
N LYS A 112 23.55 19.07 8.11
CA LYS A 112 24.65 18.12 8.06
C LYS A 112 24.38 16.91 8.96
N ASP A 113 23.47 17.07 9.91
CA ASP A 113 23.15 15.99 10.83
C ASP A 113 21.99 15.14 10.35
N LEU A 114 21.42 15.50 9.20
CA LEU A 114 20.28 14.79 8.64
C LEU A 114 20.72 13.91 7.47
N PRO A 115 20.04 12.76 7.31
CA PRO A 115 20.33 11.82 6.21
C PRO A 115 19.72 12.27 4.88
N LEU A 116 20.03 13.48 4.43
CA LEU A 116 19.50 14.02 3.18
C LEU A 116 19.94 13.18 1.98
N LYS A 117 19.02 12.97 1.05
CA LYS A 117 19.27 12.06 -0.07
C LYS A 117 19.35 12.78 -1.41
N GLY A 118 18.99 14.06 -1.44
CA GLY A 118 19.06 14.82 -2.68
C GLY A 118 17.72 14.97 -3.38
N ASP A 119 17.75 15.53 -4.59
CA ASP A 119 16.52 15.80 -5.33
C ASP A 119 15.88 14.52 -5.87
N ILE A 120 14.57 14.54 -6.01
CA ILE A 120 13.90 13.53 -6.80
C ILE A 120 13.91 14.00 -8.25
N GLU A 121 14.40 13.16 -9.17
CA GLU A 121 14.51 13.51 -10.57
C GLU A 121 13.90 12.44 -11.45
N ILE A 122 12.80 12.79 -12.10
CA ILE A 122 12.11 11.90 -13.00
C ILE A 122 12.30 12.40 -14.42
N GLY A 123 12.66 11.49 -15.32
CA GLY A 123 12.99 11.83 -16.69
C GLY A 123 11.76 12.14 -17.52
N ASN A 124 11.87 11.91 -18.82
CA ASN A 124 10.79 12.20 -19.77
C ASN A 124 10.13 10.92 -20.21
N ASP A 125 8.87 11.04 -20.61
CA ASP A 125 8.10 9.91 -21.13
C ASP A 125 8.03 8.78 -20.10
N VAL A 126 7.88 9.15 -18.84
CA VAL A 126 7.81 8.18 -17.76
C VAL A 126 6.37 7.90 -17.39
N TRP A 127 6.05 6.62 -17.24
CA TRP A 127 4.73 6.19 -16.83
C TRP A 127 4.79 5.69 -15.39
N ILE A 128 4.11 6.42 -14.50
CA ILE A 128 4.05 6.04 -13.11
C ILE A 128 2.65 5.56 -12.78
N GLY A 129 2.55 4.31 -12.33
CA GLY A 129 1.26 3.70 -12.08
C GLY A 129 0.54 4.23 -10.86
N ARG A 130 -0.68 3.74 -10.67
CA ARG A 130 -1.53 4.07 -9.54
C ARG A 130 -0.84 3.83 -8.17
N ASP A 131 -1.03 4.76 -7.23
CA ASP A 131 -0.64 4.57 -5.83
C ASP A 131 0.82 4.22 -5.59
N VAL A 132 1.69 4.80 -6.42
CA VAL A 132 3.12 4.62 -6.28
C VAL A 132 3.68 5.60 -5.25
N THR A 133 4.66 5.14 -4.45
CA THR A 133 5.34 6.00 -3.51
C THR A 133 6.79 6.21 -3.92
N ILE A 134 7.21 7.48 -4.02
CA ILE A 134 8.56 7.82 -4.43
C ILE A 134 9.34 8.38 -3.24
N MET A 135 10.43 7.72 -2.87
CA MET A 135 11.21 8.09 -1.70
C MET A 135 12.23 9.17 -2.07
N PRO A 136 12.87 9.80 -1.06
CA PRO A 136 13.78 10.92 -1.37
C PRO A 136 15.01 10.53 -2.18
N GLY A 137 15.49 11.47 -3.02
CA GLY A 137 16.73 11.31 -3.74
C GLY A 137 16.74 10.34 -4.89
N VAL A 138 15.57 9.80 -5.24
CA VAL A 138 15.45 8.83 -6.31
C VAL A 138 15.57 9.46 -7.71
N LYS A 139 16.33 8.82 -8.60
CA LYS A 139 16.38 9.24 -10.01
C LYS A 139 15.69 8.21 -10.89
N ILE A 140 14.76 8.66 -11.74
CA ILE A 140 14.05 7.76 -12.64
C ILE A 140 14.31 8.15 -14.09
N GLY A 141 14.91 7.23 -14.85
CA GLY A 141 15.35 7.50 -16.21
C GLY A 141 14.22 7.58 -17.23
N ASP A 142 14.53 8.18 -18.38
CA ASP A 142 13.57 8.37 -19.47
C ASP A 142 12.90 7.06 -19.86
N GLY A 143 11.59 7.13 -20.12
CA GLY A 143 10.88 6.02 -20.69
C GLY A 143 10.61 4.86 -19.74
N ALA A 144 10.90 5.05 -18.46
CA ALA A 144 10.67 3.99 -17.48
C ALA A 144 9.19 3.80 -17.19
N ILE A 145 8.87 2.63 -16.65
CA ILE A 145 7.49 2.33 -16.29
C ILE A 145 7.50 1.85 -14.85
N ILE A 146 6.73 2.52 -13.99
CA ILE A 146 6.68 2.14 -12.59
C ILE A 146 5.35 1.47 -12.28
N ALA A 147 5.40 0.17 -11.98
CA ALA A 147 4.20 -0.62 -11.72
C ALA A 147 3.36 -0.04 -10.58
N ALA A 148 2.06 -0.30 -10.67
CA ALA A 148 1.13 0.15 -9.66
C ALA A 148 1.56 -0.37 -8.28
N GLU A 149 1.42 0.50 -7.29
CA GLU A 149 1.64 0.18 -5.87
C GLU A 149 3.09 0.06 -5.50
N ALA A 150 3.93 0.40 -6.44
CA ALA A 150 5.36 0.30 -6.17
C ALA A 150 5.81 1.31 -5.13
N VAL A 151 6.84 0.95 -4.38
CA VAL A 151 7.54 1.88 -3.52
C VAL A 151 8.95 2.05 -4.07
N VAL A 152 9.19 3.18 -4.72
CA VAL A 152 10.47 3.40 -5.38
C VAL A 152 11.55 3.79 -4.38
N THR A 153 12.38 2.82 -4.03
CA THR A 153 13.33 2.94 -2.95
C THR A 153 14.74 3.17 -3.48
N LYS A 154 14.91 3.04 -4.78
CA LYS A 154 16.21 3.25 -5.39
C LYS A 154 16.06 3.72 -6.83
N ASN A 155 17.17 4.04 -7.47
CA ASN A 155 17.17 4.59 -8.82
C ASN A 155 16.63 3.61 -9.87
N VAL A 156 16.03 4.15 -10.92
CA VAL A 156 15.43 3.34 -11.96
C VAL A 156 16.06 3.65 -13.31
N ALA A 157 16.65 2.62 -13.93
CA ALA A 157 17.29 2.78 -15.23
C ALA A 157 16.28 3.20 -16.29
N PRO A 158 16.74 3.96 -17.30
CA PRO A 158 15.84 4.38 -18.37
C PRO A 158 15.30 3.20 -19.17
N TYR A 159 14.04 3.31 -19.57
CA TYR A 159 13.35 2.27 -20.35
C TYR A 159 13.35 0.91 -19.67
N SER A 160 13.17 0.91 -18.37
CA SER A 160 13.05 -0.34 -17.64
C SER A 160 11.69 -0.40 -16.96
N ILE A 161 11.25 -1.61 -16.63
CA ILE A 161 10.03 -1.76 -15.88
C ILE A 161 10.38 -2.27 -14.50
N VAL A 162 9.85 -1.62 -13.47
CA VAL A 162 10.12 -2.00 -12.09
C VAL A 162 8.83 -1.97 -11.28
N GLY A 163 8.84 -2.67 -10.15
CA GLY A 163 7.69 -2.66 -9.26
C GLY A 163 8.00 -3.29 -7.91
N GLY A 164 7.08 -3.19 -6.97
CA GLY A 164 7.22 -3.88 -5.70
C GLY A 164 7.57 -3.00 -4.51
N ASN A 165 7.53 -3.60 -3.34
CA ASN A 165 7.89 -2.94 -2.09
C ASN A 165 8.70 -3.91 -1.22
N PRO A 166 10.03 -3.72 -1.20
CA PRO A 166 10.79 -2.68 -1.92
C PRO A 166 10.92 -2.94 -3.41
N LEU A 167 11.50 -1.99 -4.13
CA LEU A 167 11.54 -2.01 -5.58
C LEU A 167 12.34 -3.18 -6.15
N LYS A 168 11.78 -3.82 -7.17
CA LYS A 168 12.47 -4.91 -7.83
C LYS A 168 12.52 -4.66 -9.33
N PHE A 169 13.56 -5.16 -9.96
CA PHE A 169 13.70 -5.03 -11.40
C PHE A 169 12.84 -6.09 -12.10
N ILE A 170 11.97 -5.65 -13.01
CA ILE A 170 11.14 -6.56 -13.77
C ILE A 170 11.81 -6.92 -15.11
N ARG A 171 11.92 -5.94 -16.00
CA ARG A 171 12.67 -6.13 -17.24
C ARG A 171 12.97 -4.81 -17.94
N LYS A 172 13.89 -4.83 -18.89
CA LYS A 172 14.10 -3.75 -19.84
C LYS A 172 13.03 -3.78 -20.93
N ARG A 173 12.55 -2.62 -21.33
CA ARG A 173 11.49 -2.53 -22.32
C ARG A 173 11.94 -2.97 -23.70
N PHE A 174 13.20 -2.70 -24.01
CA PHE A 174 13.74 -3.03 -25.33
C PHE A 174 15.16 -3.57 -25.20
N SER A 175 15.76 -3.92 -26.33
CA SER A 175 17.15 -4.30 -26.35
C SER A 175 17.99 -3.05 -26.08
N ASP A 176 19.24 -3.27 -25.67
CA ASP A 176 20.14 -2.18 -25.33
C ASP A 176 20.34 -1.26 -26.52
N GLY A 177 20.45 -1.85 -27.71
CA GLY A 177 20.65 -1.07 -28.93
C GLY A 177 19.48 -0.15 -29.22
N VAL A 178 18.27 -0.64 -29.03
CA VAL A 178 17.07 0.15 -29.28
C VAL A 178 16.94 1.27 -28.23
N ILE A 179 17.27 0.95 -26.99
CA ILE A 179 17.18 1.94 -25.92
C ILE A 179 18.12 3.10 -26.20
N GLU A 180 19.31 2.78 -26.68
CA GLU A 180 20.29 3.80 -27.04
C GLU A 180 19.76 4.69 -28.15
N GLU A 181 19.01 4.10 -29.09
CA GLU A 181 18.45 4.89 -30.17
C GLU A 181 17.38 5.86 -29.69
N TRP A 182 16.51 5.38 -28.80
CA TRP A 182 15.51 6.26 -28.18
C TRP A 182 16.17 7.40 -27.41
N LEU A 183 17.27 7.10 -26.72
CA LEU A 183 17.94 8.09 -25.90
C LEU A 183 18.67 9.11 -26.77
N ALA A 184 19.18 8.64 -27.91
CA ALA A 184 19.84 9.53 -28.86
C ALA A 184 18.80 10.42 -29.54
N LEU A 185 17.58 9.89 -29.67
CA LEU A 185 16.50 10.61 -30.33
C LEU A 185 15.97 11.77 -29.49
N GLN A 186 15.63 11.49 -28.22
CA GLN A 186 15.04 12.48 -27.30
C GLN A 186 13.88 13.21 -27.95
N TRP A 187 12.90 12.46 -28.42
CA TRP A 187 11.80 13.08 -29.15
C TRP A 187 11.11 14.15 -28.34
N TRP A 188 11.04 13.96 -27.02
CA TRP A 188 10.41 14.93 -26.13
C TRP A 188 11.06 16.33 -26.20
N ASN A 189 12.28 16.40 -26.69
CA ASN A 189 12.99 17.68 -26.78
C ASN A 189 12.85 18.37 -28.14
N LEU A 190 12.24 17.68 -29.09
CA LEU A 190 12.06 18.25 -30.42
C LEU A 190 10.93 19.28 -30.40
N ASP A 191 10.87 20.11 -31.43
CA ASP A 191 9.80 21.09 -31.55
C ASP A 191 8.50 20.35 -31.83
N MET A 192 7.38 20.93 -31.39
CA MET A 192 6.08 20.26 -31.52
C MET A 192 5.69 19.95 -32.96
N LYS A 193 6.14 20.77 -33.90
CA LYS A 193 5.86 20.53 -35.31
C LYS A 193 6.45 19.18 -35.72
N ILE A 194 7.66 18.94 -35.24
CA ILE A 194 8.36 17.70 -35.54
C ILE A 194 7.75 16.53 -34.76
N ILE A 195 7.36 16.80 -33.53
CA ILE A 195 6.68 15.79 -32.72
C ILE A 195 5.46 15.29 -33.46
N ASN A 196 4.60 16.22 -33.84
CA ASN A 196 3.38 15.89 -34.53
C ASN A 196 3.62 15.09 -35.81
N GLU A 197 4.62 15.51 -36.58
CA GLU A 197 4.99 14.84 -37.81
C GLU A 197 5.37 13.40 -37.53
N ASN A 198 5.96 13.16 -36.37
CA ASN A 198 6.49 11.83 -36.06
C ASN A 198 5.70 11.04 -35.04
N LEU A 199 4.55 11.59 -34.63
CA LEU A 199 3.68 10.92 -33.67
C LEU A 199 3.30 9.45 -34.01
N PRO A 200 3.02 9.15 -35.29
CA PRO A 200 2.70 7.73 -35.57
C PRO A 200 3.82 6.78 -35.17
N PHE A 201 5.07 7.20 -35.39
CA PHE A 201 6.21 6.33 -35.16
C PHE A 201 6.64 6.34 -33.69
N ILE A 202 6.45 7.49 -33.06
CA ILE A 202 6.68 7.61 -31.62
C ILE A 202 5.72 6.65 -30.88
N ILE A 203 4.49 6.60 -31.35
CA ILE A 203 3.48 5.77 -30.72
C ILE A 203 3.59 4.26 -31.06
N ASN A 204 3.86 3.93 -32.31
CA ASN A 204 3.92 2.51 -32.67
C ASN A 204 5.31 1.87 -32.49
N GLY A 205 6.29 2.68 -32.07
CA GLY A 205 7.59 2.16 -31.74
C GLY A 205 8.47 1.85 -32.94
N ASP A 206 8.17 2.51 -34.07
CA ASP A 206 8.99 2.35 -35.27
C ASP A 206 10.27 3.17 -35.11
N ILE A 207 11.22 2.61 -34.36
CA ILE A 207 12.44 3.32 -34.00
C ILE A 207 13.35 3.43 -35.23
N GLU A 208 13.27 2.47 -36.14
CA GLU A 208 14.02 2.54 -37.39
C GLU A 208 13.65 3.78 -38.19
N MET A 209 12.35 4.03 -38.30
CA MET A 209 11.87 5.19 -39.03
C MET A 209 12.30 6.50 -38.35
N LEU A 210 12.15 6.55 -37.03
CA LEU A 210 12.54 7.73 -36.25
C LEU A 210 14.02 8.04 -36.42
N LYS A 211 14.80 7.00 -36.52
CA LYS A 211 16.20 7.15 -36.66
C LYS A 211 16.57 7.73 -38.06
N ARG A 212 15.90 7.23 -39.08
CA ARG A 212 16.14 7.71 -40.44
C ARG A 212 15.72 9.18 -40.53
N LYS A 213 14.59 9.48 -39.89
CA LYS A 213 14.10 10.85 -39.84
C LYS A 213 15.09 11.78 -39.14
N ARG A 214 15.64 11.33 -38.03
CA ARG A 214 16.62 12.12 -37.28
C ARG A 214 17.87 12.37 -38.10
N LYS A 215 18.37 11.34 -38.76
CA LYS A 215 19.55 11.46 -39.60
C LYS A 215 19.33 12.45 -40.73
N LEU A 216 18.07 12.62 -41.11
CA LEU A 216 17.74 13.47 -42.24
C LEU A 216 18.01 14.93 -41.95
N LEU A 217 17.60 15.40 -40.77
CA LEU A 217 17.76 16.82 -40.46
C LEU A 217 18.91 17.12 -39.51
N ASP A 218 19.86 16.19 -39.39
CA ASP A 218 20.98 16.39 -38.47
C ASP A 218 22.11 17.18 -39.13
N HIS B 8 -32.48 -22.29 6.42
CA HIS B 8 -31.53 -22.04 7.48
C HIS B 8 -30.25 -21.37 7.05
N GLY B 9 -30.01 -20.25 7.69
CA GLY B 9 -28.93 -19.38 7.31
C GLY B 9 -29.53 -18.15 6.67
N PRO B 10 -28.69 -17.22 6.31
CA PRO B 10 -29.14 -15.91 5.84
C PRO B 10 -29.65 -15.99 4.40
N ASP B 11 -30.33 -14.92 3.97
CA ASP B 11 -30.80 -14.79 2.61
C ASP B 11 -29.71 -14.12 1.78
N PRO B 12 -29.21 -14.83 0.76
CA PRO B 12 -28.12 -14.32 -0.08
C PRO B 12 -28.53 -13.10 -0.91
N GLU B 13 -29.84 -12.87 -1.00
CA GLU B 13 -30.36 -11.69 -1.70
C GLU B 13 -30.50 -10.49 -0.76
N ASN B 14 -30.15 -10.67 0.51
CA ASN B 14 -30.17 -9.56 1.45
C ASN B 14 -28.83 -8.81 1.42
N ILE B 15 -28.88 -7.55 1.01
CA ILE B 15 -27.68 -6.73 0.89
C ILE B 15 -26.97 -6.56 2.23
N LEU B 16 -27.73 -6.37 3.31
CA LEU B 16 -27.17 -6.16 4.63
C LEU B 16 -27.64 -7.24 5.62
N PRO B 17 -26.96 -8.41 5.60
CA PRO B 17 -27.41 -9.60 6.31
C PRO B 17 -27.06 -9.62 7.79
N ILE B 18 -26.24 -8.68 8.25
CA ILE B 18 -25.90 -8.64 9.66
C ILE B 18 -26.61 -7.47 10.32
N LYS B 19 -27.47 -7.80 11.28
CA LYS B 19 -28.24 -6.82 12.02
C LYS B 19 -27.32 -5.79 12.69
N GLY B 20 -27.54 -4.52 12.37
CA GLY B 20 -26.78 -3.45 12.98
C GLY B 20 -25.47 -3.17 12.26
N ASN B 21 -25.19 -3.94 11.21
CA ASN B 21 -23.97 -3.74 10.43
C ASN B 21 -24.31 -3.15 9.06
N ARG B 22 -23.79 -1.95 8.80
CA ARG B 22 -24.06 -1.27 7.54
C ARG B 22 -22.88 -1.32 6.59
N ASN B 23 -21.81 -2.01 7.00
CA ASN B 23 -20.61 -2.09 6.18
C ASN B 23 -20.51 -3.40 5.41
N LEU B 24 -20.87 -4.49 6.06
CA LEU B 24 -20.74 -5.80 5.46
C LEU B 24 -21.91 -6.09 4.52
N GLN B 25 -21.60 -6.34 3.24
CA GLN B 25 -22.63 -6.51 2.23
C GLN B 25 -22.47 -7.82 1.49
N PHE B 26 -23.57 -8.51 1.24
CA PHE B 26 -23.58 -9.58 0.25
C PHE B 26 -23.45 -8.90 -1.12
N ILE B 27 -22.45 -9.31 -1.88
CA ILE B 27 -22.13 -8.63 -3.14
C ILE B 27 -23.15 -8.82 -4.26
N LYS B 28 -23.59 -10.07 -4.42
CA LYS B 28 -24.46 -10.42 -5.52
C LYS B 28 -25.65 -9.47 -5.70
N PRO B 29 -26.43 -9.23 -4.63
CA PRO B 29 -27.56 -8.31 -4.86
C PRO B 29 -27.19 -6.82 -5.00
N THR B 30 -25.90 -6.46 -4.93
CA THR B 30 -25.51 -5.07 -5.18
C THR B 30 -25.04 -4.81 -6.61
N ILE B 31 -24.82 -5.87 -7.37
CA ILE B 31 -24.28 -5.74 -8.72
C ILE B 31 -25.30 -5.11 -9.65
N THR B 32 -24.88 -4.06 -10.37
CA THR B 32 -25.74 -3.36 -11.31
C THR B 32 -25.12 -3.39 -12.69
N ASN B 33 -23.82 -3.69 -12.74
CA ASN B 33 -23.08 -3.61 -14.00
C ASN B 33 -22.97 -4.94 -14.72
N GLU B 34 -22.92 -4.87 -16.06
CA GLU B 34 -22.63 -6.04 -16.87
C GLU B 34 -21.17 -6.38 -16.70
N ASN B 35 -20.80 -7.59 -17.07
CA ASN B 35 -19.42 -8.04 -17.04
C ASN B 35 -18.87 -8.21 -15.63
N ILE B 36 -19.77 -8.29 -14.66
CA ILE B 36 -19.42 -8.71 -13.30
C ILE B 36 -20.36 -9.82 -12.81
N LEU B 37 -19.80 -10.97 -12.44
CA LEU B 37 -20.61 -12.07 -11.89
C LEU B 37 -20.03 -12.49 -10.54
N VAL B 38 -20.86 -12.44 -9.51
CA VAL B 38 -20.42 -12.80 -8.17
C VAL B 38 -21.37 -13.83 -7.57
N GLY B 39 -20.82 -14.89 -6.97
CA GLY B 39 -21.64 -15.97 -6.46
C GLY B 39 -22.34 -15.63 -5.16
N GLU B 40 -23.38 -16.41 -4.85
CA GLU B 40 -24.14 -16.23 -3.63
C GLU B 40 -23.26 -16.33 -2.38
N TYR B 41 -23.67 -15.62 -1.34
CA TYR B 41 -23.04 -15.67 -0.01
C TYR B 41 -21.66 -15.01 0.09
N SER B 42 -21.03 -14.74 -1.06
CA SER B 42 -19.77 -14.01 -1.08
CA SER B 42 -19.76 -14.05 -1.02
C SER B 42 -20.01 -12.58 -0.62
N TYR B 43 -19.14 -12.05 0.22
CA TYR B 43 -19.41 -10.73 0.79
C TYR B 43 -18.22 -9.77 0.71
N TYR B 44 -18.53 -8.48 0.82
CA TYR B 44 -17.53 -7.43 0.87
C TYR B 44 -17.75 -6.61 2.15
N ASP B 45 -16.72 -6.53 2.97
CA ASP B 45 -16.82 -5.76 4.20
C ASP B 45 -16.24 -4.37 3.95
N SER B 46 -17.08 -3.41 3.60
CA SER B 46 -16.61 -2.10 3.17
C SER B 46 -16.06 -1.29 4.33
N LYS B 47 -15.21 -0.33 4.00
CA LYS B 47 -14.64 0.54 5.01
C LYS B 47 -15.66 1.54 5.51
N ARG B 48 -16.40 2.12 4.57
CA ARG B 48 -17.23 3.29 4.80
C ARG B 48 -18.62 3.11 4.25
N GLY B 49 -18.91 1.92 3.80
CA GLY B 49 -20.20 1.65 3.22
C GLY B 49 -20.16 1.71 1.69
N GLU B 50 -18.97 1.91 1.13
CA GLU B 50 -18.83 1.91 -0.32
C GLU B 50 -19.24 0.55 -0.89
N SER B 51 -19.70 0.55 -2.13
CA SER B 51 -20.16 -0.67 -2.76
C SER B 51 -18.98 -1.42 -3.36
N PHE B 52 -19.16 -2.71 -3.56
CA PHE B 52 -18.15 -3.55 -4.18
C PHE B 52 -17.80 -3.03 -5.58
N GLU B 53 -18.82 -2.58 -6.31
CA GLU B 53 -18.62 -2.04 -7.65
C GLU B 53 -17.71 -0.82 -7.67
N ASP B 54 -17.74 -0.03 -6.60
CA ASP B 54 -16.85 1.12 -6.49
C ASP B 54 -15.38 0.71 -6.41
N GLN B 55 -15.13 -0.55 -6.08
CA GLN B 55 -13.77 -1.09 -5.95
C GLN B 55 -13.27 -1.71 -7.26
N VAL B 56 -14.11 -1.74 -8.27
CA VAL B 56 -13.70 -2.32 -9.54
C VAL B 56 -13.30 -1.20 -10.48
N LEU B 57 -12.00 -1.14 -10.81
CA LEU B 57 -11.46 0.02 -11.51
C LEU B 57 -11.03 -0.26 -12.95
N TYR B 58 -11.08 0.77 -13.79
CA TYR B 58 -10.64 0.67 -15.18
C TYR B 58 -11.36 -0.45 -15.94
N HIS B 59 -12.63 -0.64 -15.62
CA HIS B 59 -13.44 -1.70 -16.23
C HIS B 59 -14.32 -1.10 -17.31
N TYR B 60 -13.98 -1.33 -18.57
CA TYR B 60 -14.65 -0.67 -19.67
C TYR B 60 -15.37 -1.67 -20.56
N GLU B 61 -16.61 -1.33 -20.92
CA GLU B 61 -17.41 -2.20 -21.74
C GLU B 61 -16.72 -2.56 -23.06
N VAL B 62 -16.10 -1.58 -23.71
CA VAL B 62 -15.47 -1.79 -25.02
C VAL B 62 -14.35 -2.83 -24.98
N ILE B 63 -13.68 -2.95 -23.83
CA ILE B 63 -12.61 -3.92 -23.69
C ILE B 63 -13.23 -5.32 -23.51
N GLY B 64 -14.39 -5.36 -22.87
CA GLY B 64 -15.13 -6.60 -22.75
C GLY B 64 -14.54 -7.61 -21.78
N ASP B 65 -13.63 -7.18 -20.92
CA ASP B 65 -13.14 -8.10 -19.90
C ASP B 65 -14.18 -8.27 -18.78
N LYS B 66 -14.12 -9.42 -18.12
CA LYS B 66 -15.10 -9.76 -17.09
C LYS B 66 -14.44 -9.97 -15.73
N LEU B 67 -15.23 -9.73 -14.69
CA LEU B 67 -14.83 -10.06 -13.34
C LEU B 67 -15.77 -11.13 -12.80
N ILE B 68 -15.21 -12.31 -12.53
CA ILE B 68 -15.99 -13.44 -12.03
C ILE B 68 -15.48 -13.87 -10.65
N ILE B 69 -16.41 -13.96 -9.70
CA ILE B 69 -16.09 -14.38 -8.35
C ILE B 69 -17.04 -15.50 -7.93
N GLY B 70 -16.50 -16.54 -7.28
CA GLY B 70 -17.29 -17.68 -6.86
C GLY B 70 -18.19 -17.41 -5.66
N ARG B 71 -18.61 -18.49 -5.02
CA ARG B 71 -19.52 -18.44 -3.88
C ARG B 71 -18.74 -18.51 -2.57
N PHE B 72 -19.35 -17.99 -1.50
CA PHE B 72 -18.79 -18.06 -0.15
C PHE B 72 -17.40 -17.45 -0.04
N CYS B 73 -17.16 -16.37 -0.76
CA CYS B 73 -15.89 -15.65 -0.67
C CYS B 73 -15.95 -14.56 0.39
N SER B 74 -14.81 -14.31 1.01
CA SER B 74 -14.67 -13.23 1.99
C SER B 74 -13.75 -12.13 1.45
N ILE B 75 -14.31 -10.97 1.15
CA ILE B 75 -13.51 -9.90 0.55
C ILE B 75 -13.32 -8.71 1.51
N GLY B 76 -12.06 -8.51 1.92
CA GLY B 76 -11.73 -7.51 2.91
C GLY B 76 -11.81 -6.07 2.42
N PRO B 77 -11.90 -5.13 3.37
CA PRO B 77 -12.04 -3.69 3.14
C PRO B 77 -10.95 -3.15 2.23
N GLY B 78 -11.33 -2.37 1.23
CA GLY B 78 -10.35 -1.65 0.44
C GLY B 78 -9.70 -2.50 -0.62
N THR B 79 -10.18 -3.73 -0.78
CA THR B 79 -9.72 -4.60 -1.85
C THR B 79 -10.13 -3.98 -3.18
N THR B 80 -9.18 -3.88 -4.12
CA THR B 80 -9.49 -3.27 -5.42
C THR B 80 -9.15 -4.23 -6.55
N PHE B 81 -9.96 -4.16 -7.61
CA PHE B 81 -9.77 -5.02 -8.77
C PHE B 81 -9.40 -4.13 -9.96
N ILE B 82 -8.18 -4.30 -10.46
CA ILE B 82 -7.70 -3.49 -11.57
C ILE B 82 -7.94 -4.24 -12.88
N MET B 83 -8.88 -3.73 -13.68
CA MET B 83 -9.18 -4.37 -14.95
C MET B 83 -8.29 -3.78 -16.05
N ASN B 84 -8.53 -4.19 -17.30
CA ASN B 84 -7.57 -3.96 -18.37
C ASN B 84 -7.45 -2.53 -18.91
N GLY B 85 -8.40 -1.67 -18.55
CA GLY B 85 -8.32 -0.28 -18.94
C GLY B 85 -7.15 0.46 -18.28
N ALA B 86 -6.47 -0.19 -17.35
CA ALA B 86 -5.40 0.47 -16.60
C ALA B 86 -4.06 0.51 -17.33
N ASN B 87 -3.92 -0.30 -18.38
CA ASN B 87 -2.62 -0.41 -19.03
C ASN B 87 -2.53 0.39 -20.32
N HIS B 88 -1.45 1.15 -20.46
CA HIS B 88 -1.19 1.93 -21.66
C HIS B 88 -0.55 1.07 -22.72
N ARG B 89 -0.51 1.58 -23.94
CA ARG B 89 0.23 0.93 -25.02
C ARG B 89 1.73 1.05 -24.76
N MET B 90 2.48 0.00 -25.09
CA MET B 90 3.87 -0.07 -24.68
C MET B 90 4.86 -0.33 -25.81
N ASP B 91 4.39 -0.30 -27.05
CA ASP B 91 5.24 -0.52 -28.21
C ASP B 91 6.26 0.59 -28.40
N GLY B 92 5.83 1.82 -28.14
CA GLY B 92 6.69 2.98 -28.20
C GLY B 92 6.52 3.81 -26.94
N SER B 93 6.15 5.08 -27.10
CA SER B 93 5.83 5.93 -25.96
C SER B 93 4.56 5.43 -25.28
N THR B 94 4.53 5.51 -23.96
CA THR B 94 3.36 5.10 -23.18
C THR B 94 2.35 6.25 -23.07
N TYR B 95 2.75 7.44 -23.50
CA TYR B 95 1.91 8.61 -23.37
C TYR B 95 0.62 8.46 -24.19
N PRO B 96 -0.53 8.68 -23.55
CA PRO B 96 -1.85 8.49 -24.18
C PRO B 96 -2.31 9.70 -24.98
N PHE B 97 -1.61 10.01 -26.07
CA PHE B 97 -1.92 11.18 -26.89
C PHE B 97 -3.39 11.30 -27.26
N HIS B 98 -4.01 10.17 -27.60
CA HIS B 98 -5.38 10.15 -28.09
C HIS B 98 -6.38 10.77 -27.11
N LEU B 99 -6.10 10.69 -25.82
CA LEU B 99 -7.00 11.26 -24.81
C LEU B 99 -7.22 12.75 -25.00
N PHE B 100 -6.23 13.44 -25.56
CA PHE B 100 -6.27 14.90 -25.55
C PHE B 100 -6.89 15.51 -26.78
N ARG B 101 -7.33 14.63 -27.66
CA ARG B 101 -7.83 15.11 -29.01
CA ARG B 101 -7.91 15.22 -28.88
C ARG B 101 -7.03 16.32 -29.75
N MET B 102 -7.82 17.26 -30.19
CA MET B 102 -7.23 18.41 -30.88
C MET B 102 -6.28 17.97 -31.98
N GLY B 103 -6.64 16.90 -32.69
CA GLY B 103 -5.80 16.35 -33.74
C GLY B 103 -5.21 14.99 -33.38
N TRP B 104 -5.07 14.75 -32.08
CA TRP B 104 -4.44 13.52 -31.61
C TRP B 104 -5.41 12.34 -31.51
N GLU B 105 -6.70 12.59 -31.72
CA GLU B 105 -7.69 11.52 -31.60
C GLU B 105 -7.50 10.42 -32.64
N LYS B 106 -6.82 10.73 -33.74
CA LYS B 106 -6.60 9.75 -34.79
C LYS B 106 -5.55 8.72 -34.37
N TYR B 107 -4.94 8.93 -33.20
CA TYR B 107 -4.02 7.95 -32.65
C TYR B 107 -4.70 7.04 -31.62
N MET B 108 -6.03 6.95 -31.72
CA MET B 108 -6.81 6.01 -30.93
C MET B 108 -6.23 4.61 -31.07
N PRO B 109 -5.95 3.96 -29.93
CA PRO B 109 -5.38 2.62 -30.00
C PRO B 109 -6.43 1.61 -30.43
N SER B 110 -5.96 0.55 -31.09
CA SER B 110 -6.76 -0.61 -31.35
C SER B 110 -6.67 -1.50 -30.10
N LEU B 111 -7.69 -2.30 -29.85
CA LEU B 111 -7.63 -3.28 -28.76
C LEU B 111 -6.48 -4.24 -28.99
N LYS B 112 -6.15 -4.52 -30.25
CA LYS B 112 -5.01 -5.36 -30.57
C LYS B 112 -3.67 -4.70 -30.23
N ASP B 113 -3.66 -3.38 -30.06
CA ASP B 113 -2.43 -2.67 -29.71
C ASP B 113 -2.18 -2.68 -28.20
N LEU B 114 -3.19 -3.03 -27.43
CA LEU B 114 -3.10 -2.96 -25.98
C LEU B 114 -2.65 -4.27 -25.35
N PRO B 115 -1.96 -4.20 -24.20
CA PRO B 115 -1.53 -5.40 -23.45
C PRO B 115 -2.66 -6.01 -22.61
N LEU B 116 -3.70 -6.52 -23.26
CA LEU B 116 -4.83 -7.10 -22.55
C LEU B 116 -4.45 -8.44 -21.91
N LYS B 117 -4.89 -8.64 -20.67
CA LYS B 117 -4.51 -9.79 -19.86
C LYS B 117 -5.67 -10.77 -19.63
N GLY B 118 -6.88 -10.39 -20.04
CA GLY B 118 -8.04 -11.24 -19.87
C GLY B 118 -8.85 -10.96 -18.60
N ASP B 119 -9.70 -11.91 -18.22
CA ASP B 119 -10.61 -11.74 -17.10
C ASP B 119 -9.91 -11.96 -15.77
N ILE B 120 -10.40 -11.27 -14.75
CA ILE B 120 -10.07 -11.64 -13.39
C ILE B 120 -11.08 -12.70 -12.96
N GLU B 121 -10.58 -13.85 -12.50
CA GLU B 121 -11.45 -14.97 -12.11
C GLU B 121 -11.06 -15.45 -10.73
N ILE B 122 -11.96 -15.25 -9.78
CA ILE B 122 -11.74 -15.72 -8.43
C ILE B 122 -12.68 -16.91 -8.14
N GLY B 123 -12.12 -17.97 -7.56
CA GLY B 123 -12.88 -19.18 -7.28
C GLY B 123 -13.82 -19.05 -6.09
N ASN B 124 -14.13 -20.19 -5.48
CA ASN B 124 -15.07 -20.25 -4.37
C ASN B 124 -14.31 -20.42 -3.06
N ASP B 125 -14.96 -20.02 -1.97
CA ASP B 125 -14.40 -20.14 -0.62
C ASP B 125 -13.03 -19.46 -0.54
N VAL B 126 -12.91 -18.32 -1.22
CA VAL B 126 -11.65 -17.57 -1.22
C VAL B 126 -11.69 -16.45 -0.17
N TRP B 127 -10.61 -16.29 0.58
CA TRP B 127 -10.54 -15.27 1.60
C TRP B 127 -9.52 -14.21 1.16
N ILE B 128 -9.99 -12.99 0.90
CA ILE B 128 -9.12 -11.90 0.47
CA ILE B 128 -9.12 -11.91 0.46
C ILE B 128 -8.95 -10.86 1.57
N GLY B 129 -7.71 -10.66 1.99
CA GLY B 129 -7.42 -9.77 3.10
C GLY B 129 -7.70 -8.31 2.81
N ARG B 130 -7.52 -7.50 3.85
CA ARG B 130 -7.72 -6.06 3.78
CA ARG B 130 -7.72 -6.06 3.76
C ARG B 130 -6.74 -5.41 2.78
N ASP B 131 -7.24 -4.44 2.01
CA ASP B 131 -6.40 -3.60 1.14
C ASP B 131 -5.56 -4.37 0.11
N VAL B 132 -6.13 -5.46 -0.38
CA VAL B 132 -5.48 -6.23 -1.43
C VAL B 132 -5.71 -5.58 -2.80
N THR B 133 -4.70 -5.60 -3.65
CA THR B 133 -4.86 -5.11 -5.02
C THR B 133 -4.73 -6.30 -5.98
N ILE B 134 -5.74 -6.49 -6.83
CA ILE B 134 -5.73 -7.56 -7.79
C ILE B 134 -5.53 -7.01 -9.21
N MET B 135 -4.46 -7.45 -9.86
CA MET B 135 -4.07 -6.92 -11.16
C MET B 135 -4.85 -7.61 -12.29
N PRO B 136 -4.81 -7.04 -13.51
CA PRO B 136 -5.66 -7.60 -14.60
C PRO B 136 -5.32 -9.04 -14.98
N GLY B 137 -6.35 -9.83 -15.30
CA GLY B 137 -6.15 -11.16 -15.84
C GLY B 137 -5.75 -12.22 -14.85
N VAL B 138 -5.73 -11.87 -13.56
CA VAL B 138 -5.36 -12.81 -12.50
C VAL B 138 -6.43 -13.90 -12.24
N LYS B 139 -5.98 -15.14 -12.03
CA LYS B 139 -6.88 -16.24 -11.66
C LYS B 139 -6.54 -16.72 -10.26
N ILE B 140 -7.56 -16.76 -9.40
CA ILE B 140 -7.36 -17.22 -8.02
C ILE B 140 -8.22 -18.46 -7.74
N GLY B 141 -7.56 -19.58 -7.44
CA GLY B 141 -8.24 -20.86 -7.31
C GLY B 141 -9.07 -20.96 -6.05
N ASP B 142 -9.93 -21.97 -6.00
CA ASP B 142 -10.78 -22.21 -4.85
C ASP B 142 -9.99 -22.34 -3.55
N GLY B 143 -10.56 -21.82 -2.47
CA GLY B 143 -10.00 -22.03 -1.15
C GLY B 143 -8.71 -21.28 -0.85
N ALA B 144 -8.33 -20.35 -1.73
CA ALA B 144 -7.09 -19.62 -1.56
C ALA B 144 -7.21 -18.55 -0.47
N ILE B 145 -6.07 -18.15 0.08
CA ILE B 145 -6.04 -17.07 1.04
C ILE B 145 -5.03 -16.00 0.61
N ILE B 146 -5.51 -14.78 0.45
CA ILE B 146 -4.66 -13.67 0.05
C ILE B 146 -4.40 -12.76 1.24
N ALA B 147 -3.14 -12.73 1.68
CA ALA B 147 -2.74 -11.93 2.84
C ALA B 147 -3.07 -10.45 2.69
N ALA B 148 -3.30 -9.79 3.82
CA ALA B 148 -3.58 -8.36 3.82
C ALA B 148 -2.47 -7.60 3.09
N GLU B 149 -2.89 -6.56 2.35
CA GLU B 149 -1.98 -5.65 1.65
C GLU B 149 -1.25 -6.29 0.47
N ALA B 150 -1.63 -7.51 0.11
CA ALA B 150 -0.98 -8.15 -1.02
C ALA B 150 -1.27 -7.41 -2.34
N VAL B 151 -0.36 -7.56 -3.30
CA VAL B 151 -0.62 -7.12 -4.65
C VAL B 151 -0.54 -8.36 -5.52
N VAL B 152 -1.69 -8.81 -6.01
CA VAL B 152 -1.75 -10.06 -6.74
C VAL B 152 -1.37 -9.85 -8.19
N THR B 153 -0.16 -10.25 -8.54
CA THR B 153 0.37 -9.97 -9.86
C THR B 153 0.48 -11.21 -10.72
N LYS B 154 0.15 -12.36 -10.17
CA LYS B 154 0.16 -13.62 -10.88
C LYS B 154 -0.94 -14.53 -10.36
N ASN B 155 -1.18 -15.64 -11.04
CA ASN B 155 -2.24 -16.56 -10.63
C ASN B 155 -1.96 -17.22 -9.29
N VAL B 156 -3.04 -17.52 -8.57
CA VAL B 156 -2.92 -18.13 -7.25
C VAL B 156 -3.52 -19.53 -7.25
N ALA B 157 -2.69 -20.52 -6.94
CA ALA B 157 -3.13 -21.91 -6.92
C ALA B 157 -4.22 -22.14 -5.86
N PRO B 158 -5.09 -23.12 -6.12
CA PRO B 158 -6.16 -23.47 -5.19
C PRO B 158 -5.63 -23.86 -3.81
N TYR B 159 -6.32 -23.39 -2.78
CA TYR B 159 -5.98 -23.72 -1.40
C TYR B 159 -4.53 -23.38 -1.06
N SER B 160 -4.06 -22.25 -1.56
CA SER B 160 -2.73 -21.80 -1.19
C SER B 160 -2.82 -20.46 -0.49
N ILE B 161 -1.80 -20.12 0.29
CA ILE B 161 -1.74 -18.85 0.96
C ILE B 161 -0.65 -18.01 0.30
N VAL B 162 -0.95 -16.75 -0.01
CA VAL B 162 0.02 -15.88 -0.67
C VAL B 162 -0.05 -14.47 -0.14
N GLY B 163 1.02 -13.72 -0.33
CA GLY B 163 1.03 -12.32 0.06
C GLY B 163 2.27 -11.60 -0.43
N GLY B 164 2.30 -10.29 -0.23
CA GLY B 164 3.48 -9.51 -0.60
C GLY B 164 3.28 -8.66 -1.84
N ASN B 165 4.22 -7.76 -2.07
CA ASN B 165 4.24 -6.93 -3.25
C ASN B 165 5.70 -6.87 -3.73
N PRO B 166 6.02 -7.62 -4.79
CA PRO B 166 5.12 -8.49 -5.57
C PRO B 166 4.73 -9.77 -4.82
N LEU B 167 3.76 -10.49 -5.36
CA LEU B 167 3.18 -11.62 -4.68
C LEU B 167 4.19 -12.75 -4.46
N LYS B 168 4.22 -13.26 -3.23
CA LYS B 168 5.09 -14.36 -2.87
C LYS B 168 4.22 -15.53 -2.47
N PHE B 169 4.74 -16.74 -2.68
CA PHE B 169 4.05 -17.93 -2.22
C PHE B 169 4.39 -18.16 -0.74
N ILE B 170 3.36 -18.31 0.09
CA ILE B 170 3.56 -18.58 1.50
C ILE B 170 3.53 -20.08 1.81
N ARG B 171 2.39 -20.72 1.58
CA ARG B 171 2.29 -22.17 1.73
C ARG B 171 1.00 -22.73 1.17
N LYS B 172 0.97 -24.02 0.91
CA LYS B 172 -0.25 -24.74 0.61
C LYS B 172 -0.97 -25.04 1.90
N ARG B 173 -2.27 -24.88 1.91
CA ARG B 173 -3.06 -25.08 3.11
C ARG B 173 -3.10 -26.54 3.54
N PHE B 174 -3.21 -27.45 2.58
CA PHE B 174 -3.27 -28.87 2.86
C PHE B 174 -2.36 -29.67 1.93
N SER B 175 -2.31 -30.98 2.12
CA SER B 175 -1.55 -31.83 1.21
C SER B 175 -2.27 -31.88 -0.13
N ASP B 176 -1.54 -32.25 -1.18
CA ASP B 176 -2.10 -32.29 -2.51
C ASP B 176 -3.30 -33.22 -2.60
N GLY B 177 -3.19 -34.37 -1.95
CA GLY B 177 -4.28 -35.34 -1.93
C GLY B 177 -5.53 -34.77 -1.30
N VAL B 178 -5.36 -34.05 -0.20
CA VAL B 178 -6.49 -33.42 0.48
C VAL B 178 -7.11 -32.33 -0.38
N ILE B 179 -6.26 -31.52 -1.01
CA ILE B 179 -6.73 -30.45 -1.87
C ILE B 179 -7.63 -30.98 -3.01
N GLU B 180 -7.19 -32.07 -3.65
CA GLU B 180 -7.97 -32.69 -4.71
C GLU B 180 -9.32 -33.21 -4.23
N GLU B 181 -9.36 -33.66 -2.97
CA GLU B 181 -10.62 -34.09 -2.38
C GLU B 181 -11.59 -32.93 -2.24
N TRP B 182 -11.10 -31.77 -1.79
CA TRP B 182 -11.94 -30.58 -1.68
C TRP B 182 -12.43 -30.12 -3.05
N LEU B 183 -11.53 -30.15 -4.02
CA LEU B 183 -11.85 -29.70 -5.37
C LEU B 183 -12.86 -30.63 -6.02
N ALA B 184 -12.79 -31.91 -5.69
CA ALA B 184 -13.77 -32.88 -6.17
C ALA B 184 -15.11 -32.67 -5.47
N LEU B 185 -15.07 -32.39 -4.18
CA LEU B 185 -16.28 -32.23 -3.39
C LEU B 185 -17.13 -31.04 -3.85
N GLN B 186 -16.50 -29.87 -3.99
CA GLN B 186 -17.21 -28.64 -4.36
C GLN B 186 -18.44 -28.39 -3.48
N TRP B 187 -18.23 -28.31 -2.16
CA TRP B 187 -19.37 -28.15 -1.25
C TRP B 187 -20.16 -26.88 -1.55
N TRP B 188 -19.47 -25.86 -2.06
CA TRP B 188 -20.08 -24.59 -2.39
C TRP B 188 -21.16 -24.67 -3.49
N ASN B 189 -21.15 -25.77 -4.25
CA ASN B 189 -22.15 -25.93 -5.29
C ASN B 189 -23.29 -26.85 -4.88
N LEU B 190 -23.21 -27.36 -3.65
CA LEU B 190 -24.24 -28.25 -3.13
C LEU B 190 -25.47 -27.46 -2.74
N ASP B 191 -26.60 -28.15 -2.69
CA ASP B 191 -27.82 -27.52 -2.21
C ASP B 191 -27.63 -27.11 -0.74
N MET B 192 -28.29 -26.02 -0.36
CA MET B 192 -28.09 -25.45 0.96
C MET B 192 -28.49 -26.42 2.08
N LYS B 193 -29.50 -27.25 1.80
CA LYS B 193 -29.89 -28.30 2.74
C LYS B 193 -28.73 -29.22 3.08
N ILE B 194 -27.99 -29.61 2.05
CA ILE B 194 -26.85 -30.50 2.22
C ILE B 194 -25.67 -29.79 2.88
N ILE B 195 -25.48 -28.52 2.53
CA ILE B 195 -24.43 -27.71 3.15
C ILE B 195 -24.67 -27.58 4.64
N ASN B 196 -25.89 -27.24 5.02
CA ASN B 196 -26.23 -27.10 6.43
C ASN B 196 -25.98 -28.37 7.22
N GLU B 197 -26.30 -29.50 6.62
CA GLU B 197 -26.09 -30.80 7.25
C GLU B 197 -24.60 -31.05 7.49
N ASN B 198 -23.76 -30.51 6.61
CA ASN B 198 -22.35 -30.82 6.66
C ASN B 198 -21.45 -29.68 7.15
N LEU B 199 -22.07 -28.58 7.56
CA LEU B 199 -21.33 -27.40 8.03
C LEU B 199 -20.27 -27.68 9.11
N PRO B 200 -20.59 -28.53 10.11
CA PRO B 200 -19.56 -28.80 11.12
C PRO B 200 -18.25 -29.30 10.52
N PHE B 201 -18.33 -30.09 9.46
CA PHE B 201 -17.15 -30.69 8.88
C PHE B 201 -16.53 -29.79 7.83
N ILE B 202 -17.38 -29.02 7.17
CA ILE B 202 -16.92 -28.01 6.22
C ILE B 202 -16.03 -27.01 6.95
N ILE B 203 -16.44 -26.68 8.17
CA ILE B 203 -15.74 -25.70 8.99
C ILE B 203 -14.47 -26.25 9.66
N ASN B 204 -14.55 -27.45 10.24
CA ASN B 204 -13.37 -28.03 10.89
C ASN B 204 -12.43 -28.77 9.92
N GLY B 205 -12.84 -28.87 8.67
CA GLY B 205 -11.99 -29.48 7.65
C GLY B 205 -11.92 -30.99 7.68
N ASP B 206 -12.87 -31.64 8.34
CA ASP B 206 -12.92 -33.11 8.36
C ASP B 206 -13.39 -33.63 7.00
N ILE B 207 -12.47 -33.61 6.03
CA ILE B 207 -12.78 -34.02 4.67
C ILE B 207 -13.15 -35.50 4.59
N GLU B 208 -12.71 -36.29 5.56
CA GLU B 208 -13.02 -37.72 5.61
C GLU B 208 -14.49 -37.97 5.91
N MET B 209 -15.04 -37.24 6.88
CA MET B 209 -16.47 -37.33 7.16
C MET B 209 -17.28 -36.88 5.95
N LEU B 210 -16.89 -35.76 5.35
CA LEU B 210 -17.60 -35.22 4.19
C LEU B 210 -17.67 -36.23 3.06
N LYS B 211 -16.56 -36.91 2.81
CA LYS B 211 -16.52 -37.94 1.77
C LYS B 211 -17.54 -39.06 2.04
N ARG B 212 -17.50 -39.61 3.25
CA ARG B 212 -18.44 -40.66 3.65
C ARG B 212 -19.88 -40.18 3.51
N LYS B 213 -20.16 -38.99 4.02
CA LYS B 213 -21.51 -38.46 4.05
C LYS B 213 -22.11 -38.26 2.66
N ARG B 214 -21.25 -38.05 1.67
CA ARG B 214 -21.70 -37.88 0.30
C ARG B 214 -22.32 -39.14 -0.30
N LYS B 215 -21.87 -40.31 0.16
CA LYS B 215 -22.43 -41.59 -0.29
C LYS B 215 -22.37 -41.76 -1.81
N LEU B 216 -21.16 -41.75 -2.37
CA LEU B 216 -21.01 -41.80 -3.81
C LEU B 216 -21.09 -43.23 -4.30
N LEU B 217 -21.03 -43.40 -5.61
CA LEU B 217 -20.88 -44.73 -6.17
C LEU B 217 -19.41 -45.12 -5.98
N ASP B 218 -19.08 -45.54 -4.76
CA ASP B 218 -17.69 -45.80 -4.38
C ASP B 218 -17.08 -46.94 -5.18
N ASP C 7 12.24 22.26 34.27
CA ASP C 7 11.08 21.47 33.88
C ASP C 7 10.75 21.70 32.42
N HIS C 8 11.77 21.64 31.58
CA HIS C 8 11.59 21.86 30.16
C HIS C 8 10.87 20.73 29.45
N GLY C 9 10.49 20.98 28.20
CA GLY C 9 9.77 20.01 27.42
C GLY C 9 8.28 20.26 27.54
N PRO C 10 7.51 19.65 26.63
CA PRO C 10 6.05 19.80 26.59
C PRO C 10 5.39 18.97 27.70
N ASP C 11 4.12 19.24 27.92
CA ASP C 11 3.31 18.49 28.86
C ASP C 11 2.82 17.23 28.13
N PRO C 12 3.19 16.05 28.64
CA PRO C 12 2.79 14.80 28.00
C PRO C 12 1.28 14.56 28.07
N GLU C 13 0.59 15.31 28.93
CA GLU C 13 -0.85 15.21 29.03
C GLU C 13 -1.55 16.10 28.00
N ASN C 14 -0.75 16.89 27.28
CA ASN C 14 -1.28 17.73 26.21
C ASN C 14 -1.64 16.91 24.98
N ILE C 15 -2.91 16.93 24.58
CA ILE C 15 -3.34 16.23 23.38
C ILE C 15 -2.69 16.84 22.14
N LEU C 16 -2.64 18.17 22.08
CA LEU C 16 -2.02 18.88 20.97
C LEU C 16 -0.86 19.74 21.46
N PRO C 17 0.33 19.14 21.57
CA PRO C 17 1.47 19.80 22.22
C PRO C 17 2.18 20.83 21.33
N ILE C 18 1.86 20.87 20.04
CA ILE C 18 2.49 21.84 19.16
C ILE C 18 1.50 22.92 18.73
N LYS C 19 1.81 24.16 19.09
CA LYS C 19 0.94 25.28 18.80
C LYS C 19 0.74 25.49 17.30
N GLY C 20 -0.52 25.61 16.89
CA GLY C 20 -0.85 25.77 15.49
C GLY C 20 -0.99 24.46 14.75
N ASN C 21 -0.54 23.37 15.39
CA ASN C 21 -0.57 22.05 14.77
C ASN C 21 -1.76 21.24 15.30
N ARG C 22 -2.70 20.94 14.42
CA ARG C 22 -3.91 20.23 14.80
C ARG C 22 -3.85 18.76 14.42
N ASN C 23 -2.73 18.34 13.87
CA ASN C 23 -2.58 16.95 13.42
C ASN C 23 -1.79 16.08 14.38
N LEU C 24 -0.68 16.62 14.88
CA LEU C 24 0.22 15.82 15.71
C LEU C 24 -0.29 15.73 17.15
N GLN C 25 -0.50 14.50 17.63
CA GLN C 25 -1.10 14.29 18.94
C GLN C 25 -0.24 13.41 19.84
N PHE C 26 -0.14 13.79 21.11
CA PHE C 26 0.35 12.85 22.10
C PHE C 26 -0.71 11.76 22.26
N ILE C 27 -0.30 10.51 22.09
CA ILE C 27 -1.23 9.39 22.05
C ILE C 27 -1.93 9.11 23.38
N LYS C 28 -1.13 9.00 24.44
CA LYS C 28 -1.63 8.59 25.76
C LYS C 28 -2.89 9.34 26.25
N PRO C 29 -2.87 10.70 26.23
CA PRO C 29 -4.06 11.39 26.70
C PRO C 29 -5.26 11.36 25.74
N THR C 30 -5.13 10.71 24.59
CA THR C 30 -6.28 10.57 23.71
C THR C 30 -7.00 9.22 23.91
N ILE C 31 -6.34 8.29 24.60
CA ILE C 31 -6.85 6.93 24.71
C ILE C 31 -8.14 6.86 25.53
N THR C 32 -9.14 6.23 24.98
CA THR C 32 -10.39 6.03 25.68
C THR C 32 -10.76 4.56 25.78
N ASN C 33 -10.25 3.78 24.86
CA ASN C 33 -10.56 2.35 24.84
C ASN C 33 -9.63 1.53 25.72
N GLU C 34 -10.11 0.36 26.13
CA GLU C 34 -9.34 -0.55 26.95
C GLU C 34 -8.35 -1.32 26.07
N ASN C 35 -7.37 -1.94 26.73
CA ASN C 35 -6.37 -2.78 26.07
C ASN C 35 -5.48 -2.04 25.08
N ILE C 36 -5.40 -0.72 25.23
CA ILE C 36 -4.45 0.09 24.48
C ILE C 36 -3.57 0.85 25.46
N LEU C 37 -2.31 0.42 25.58
CA LEU C 37 -1.42 0.94 26.63
C LEU C 37 -0.22 1.64 25.98
N VAL C 38 -0.18 2.97 26.07
CA VAL C 38 0.80 3.76 25.35
C VAL C 38 1.56 4.68 26.29
N GLY C 39 2.88 4.73 26.16
CA GLY C 39 3.71 5.51 27.06
C GLY C 39 3.74 7.00 26.74
N GLU C 40 4.18 7.80 27.72
CA GLU C 40 4.24 9.24 27.58
C GLU C 40 5.17 9.70 26.44
N TYR C 41 4.81 10.85 25.86
CA TYR C 41 5.59 11.51 24.80
C TYR C 41 5.52 10.81 23.44
N SER C 42 5.03 9.57 23.42
CA SER C 42 4.80 8.89 22.14
C SER C 42 3.71 9.63 21.38
N TYR C 43 3.95 9.88 20.10
CA TYR C 43 3.01 10.70 19.32
C TYR C 43 2.54 10.07 18.01
N TYR C 44 1.37 10.51 17.58
CA TYR C 44 0.82 10.10 16.29
C TYR C 44 0.65 11.34 15.44
N ASP C 45 1.34 11.38 14.31
CA ASP C 45 1.21 12.50 13.40
C ASP C 45 0.09 12.20 12.42
N SER C 46 -1.15 12.57 12.78
CA SER C 46 -2.32 12.20 12.01
C SER C 46 -2.37 12.89 10.65
N LYS C 47 -3.06 12.26 9.70
CA LYS C 47 -3.21 12.82 8.37
C LYS C 47 -4.12 14.04 8.39
N ARG C 48 -5.25 13.89 9.01
CA ARG C 48 -6.23 14.94 9.03
C ARG C 48 -6.92 15.17 10.36
N GLY C 49 -6.26 14.82 11.45
CA GLY C 49 -6.81 15.01 12.78
C GLY C 49 -7.49 13.79 13.39
N GLU C 50 -7.46 12.67 12.67
CA GLU C 50 -8.05 11.43 13.19
C GLU C 50 -7.32 10.94 14.43
N SER C 51 -8.03 10.28 15.33
CA SER C 51 -7.41 9.83 16.57
C SER C 51 -6.58 8.57 16.34
N PHE C 52 -5.58 8.38 17.18
CA PHE C 52 -4.76 7.18 17.12
C PHE C 52 -5.59 5.90 17.26
N GLU C 53 -6.58 5.93 18.15
CA GLU C 53 -7.38 4.75 18.47
C GLU C 53 -8.06 4.19 17.22
N ASP C 54 -8.49 5.09 16.34
CA ASP C 54 -9.21 4.66 15.16
C ASP C 54 -8.30 4.02 14.12
N GLN C 55 -7.00 3.99 14.40
CA GLN C 55 -6.04 3.30 13.55
C GLN C 55 -5.86 1.85 14.04
N VAL C 56 -6.50 1.53 15.16
CA VAL C 56 -6.40 0.21 15.73
C VAL C 56 -7.61 -0.62 15.33
N LEU C 57 -7.36 -1.64 14.51
CA LEU C 57 -8.43 -2.36 13.83
C LEU C 57 -8.62 -3.78 14.36
N TYR C 58 -9.85 -4.27 14.24
CA TYR C 58 -10.22 -5.64 14.62
C TYR C 58 -9.85 -5.96 16.08
N HIS C 59 -10.09 -4.98 16.95
CA HIS C 59 -9.74 -5.11 18.36
C HIS C 59 -10.99 -5.41 19.16
N TYR C 60 -11.18 -6.68 19.51
CA TYR C 60 -12.43 -7.11 20.12
C TYR C 60 -12.18 -7.54 21.55
N GLU C 61 -13.10 -7.15 22.44
CA GLU C 61 -12.99 -7.44 23.87
C GLU C 61 -12.91 -8.93 24.15
N VAL C 62 -13.71 -9.71 23.43
CA VAL C 62 -13.79 -11.14 23.68
C VAL C 62 -12.45 -11.86 23.42
N ILE C 63 -11.67 -11.34 22.48
CA ILE C 63 -10.34 -11.87 22.24
C ILE C 63 -9.39 -11.39 23.33
N GLY C 64 -9.54 -10.13 23.70
CA GLY C 64 -8.78 -9.57 24.80
C GLY C 64 -7.30 -9.35 24.53
N ASP C 65 -6.92 -9.25 23.25
CA ASP C 65 -5.54 -8.91 22.95
C ASP C 65 -5.26 -7.43 23.20
N LYS C 66 -4.01 -7.09 23.47
CA LYS C 66 -3.64 -5.72 23.83
C LYS C 66 -2.68 -5.10 22.82
N LEU C 67 -2.77 -3.78 22.66
CA LEU C 67 -1.76 -3.03 21.93
C LEU C 67 -0.91 -2.26 22.95
N ILE C 68 0.37 -2.57 22.98
CA ILE C 68 1.28 -1.97 23.94
C ILE C 68 2.37 -1.21 23.22
N ILE C 69 2.54 0.06 23.60
CA ILE C 69 3.54 0.93 23.00
C ILE C 69 4.26 1.71 24.10
N GLY C 70 5.59 1.78 23.99
CA GLY C 70 6.41 2.43 25.00
C GLY C 70 6.47 3.94 24.89
N ARG C 71 7.59 4.50 25.34
CA ARG C 71 7.75 5.95 25.43
C ARG C 71 8.58 6.49 24.27
N PHE C 72 8.37 7.77 23.97
CA PHE C 72 9.15 8.50 22.96
C PHE C 72 9.14 7.82 21.59
N CYS C 73 7.99 7.29 21.22
CA CYS C 73 7.83 6.69 19.90
C CYS C 73 7.30 7.72 18.91
N SER C 74 7.72 7.57 17.66
CA SER C 74 7.25 8.44 16.59
C SER C 74 6.45 7.57 15.63
N ILE C 75 5.14 7.78 15.59
CA ILE C 75 4.26 6.99 14.73
C ILE C 75 3.68 7.82 13.57
N GLY C 76 4.09 7.47 12.35
CA GLY C 76 3.73 8.24 11.17
C GLY C 76 2.28 8.11 10.75
N PRO C 77 1.80 9.07 9.94
CA PRO C 77 0.42 9.13 9.45
C PRO C 77 0.01 7.88 8.69
N GLY C 78 -1.18 7.37 9.03
CA GLY C 78 -1.75 6.28 8.28
C GLY C 78 -1.32 4.92 8.80
N THR C 79 -0.48 4.93 9.84
CA THR C 79 -0.05 3.68 10.44
C THR C 79 -1.27 2.98 11.02
N THR C 80 -1.44 1.69 10.70
CA THR C 80 -2.57 0.95 11.23
CA THR C 80 -2.58 0.95 11.22
C THR C 80 -2.14 -0.31 11.96
N PHE C 81 -2.92 -0.69 12.95
CA PHE C 81 -2.58 -1.85 13.79
C PHE C 81 -3.67 -2.90 13.62
N ILE C 82 -3.29 -4.04 13.04
CA ILE C 82 -4.23 -5.11 12.77
C ILE C 82 -4.20 -6.08 13.93
N MET C 83 -5.29 -6.16 14.70
CA MET C 83 -5.31 -7.04 15.87
C MET C 83 -5.87 -8.41 15.49
N ASN C 84 -6.05 -9.28 16.49
CA ASN C 84 -6.37 -10.69 16.22
C ASN C 84 -7.75 -10.99 15.68
N GLY C 85 -8.67 -10.05 15.81
CA GLY C 85 -9.99 -10.21 15.23
C GLY C 85 -9.99 -10.31 13.70
N ALA C 86 -8.86 -10.01 13.09
CA ALA C 86 -8.77 -9.98 11.62
C ALA C 86 -8.61 -11.35 10.97
N ASN C 87 -8.26 -12.36 11.76
CA ASN C 87 -8.00 -13.68 11.21
C ASN C 87 -9.14 -14.67 11.38
N HIS C 88 -9.52 -15.31 10.28
CA HIS C 88 -10.57 -16.32 10.28
C HIS C 88 -9.99 -17.67 10.70
N ARG C 89 -10.87 -18.59 11.08
CA ARG C 89 -10.45 -19.97 11.32
C ARG C 89 -10.00 -20.55 9.98
N MET C 90 -8.95 -21.37 10.01
CA MET C 90 -8.34 -21.86 8.79
C MET C 90 -8.23 -23.38 8.73
N ASP C 91 -8.96 -24.07 9.61
CA ASP C 91 -8.97 -25.53 9.63
C ASP C 91 -9.62 -26.09 8.38
N GLY C 92 -10.79 -25.55 8.06
CA GLY C 92 -11.49 -25.91 6.85
C GLY C 92 -11.80 -24.64 6.11
N SER C 93 -13.08 -24.41 5.86
CA SER C 93 -13.52 -23.20 5.19
C SER C 93 -13.22 -21.98 6.06
N THR C 94 -12.80 -20.89 5.43
CA THR C 94 -12.50 -19.67 6.14
C THR C 94 -13.74 -18.79 6.23
N TYR C 95 -14.86 -19.25 5.69
CA TYR C 95 -16.06 -18.41 5.66
C TYR C 95 -16.70 -18.34 7.05
N PRO C 96 -16.94 -17.11 7.53
CA PRO C 96 -17.44 -16.90 8.90
C PRO C 96 -18.97 -17.05 9.00
N PHE C 97 -19.43 -18.28 8.84
CA PHE C 97 -20.86 -18.59 8.84
C PHE C 97 -21.59 -18.00 10.04
N HIS C 98 -20.94 -18.06 11.20
CA HIS C 98 -21.55 -17.65 12.46
C HIS C 98 -22.00 -16.20 12.49
N LEU C 99 -21.34 -15.35 11.71
CA LEU C 99 -21.65 -13.92 11.71
C LEU C 99 -23.07 -13.65 11.20
N PHE C 100 -23.56 -14.53 10.35
CA PHE C 100 -24.82 -14.27 9.67
C PHE C 100 -26.02 -14.82 10.42
N ARG C 101 -25.74 -15.50 11.52
CA ARG C 101 -26.77 -16.07 12.39
C ARG C 101 -27.82 -16.88 11.62
N MET C 102 -29.09 -16.60 11.88
CA MET C 102 -30.20 -17.32 11.25
C MET C 102 -30.03 -18.82 11.39
N GLY C 103 -29.44 -19.25 12.49
CA GLY C 103 -29.18 -20.66 12.72
C GLY C 103 -27.70 -21.02 12.69
N TRP C 104 -26.89 -20.14 12.13
CA TRP C 104 -25.46 -20.43 11.97
C TRP C 104 -24.64 -19.97 13.17
N GLU C 105 -25.29 -19.28 14.09
CA GLU C 105 -24.57 -18.73 15.24
C GLU C 105 -23.93 -19.82 16.09
N LYS C 106 -24.44 -21.05 15.96
CA LYS C 106 -23.92 -22.16 16.74
C LYS C 106 -22.56 -22.62 16.22
N TYR C 107 -22.11 -22.04 15.12
CA TYR C 107 -20.81 -22.39 14.59
C TYR C 107 -19.75 -21.37 14.98
N MET C 108 -20.08 -20.55 15.98
CA MET C 108 -19.16 -19.59 16.57
C MET C 108 -17.88 -20.29 16.99
N PRO C 109 -16.74 -19.75 16.55
CA PRO C 109 -15.44 -20.36 16.85
C PRO C 109 -15.10 -20.14 18.31
N SER C 110 -14.42 -21.10 18.92
CA SER C 110 -13.89 -20.89 20.26
C SER C 110 -12.54 -20.20 20.07
N LEU C 111 -12.00 -19.64 21.14
CA LEU C 111 -10.69 -18.98 21.08
C LEU C 111 -9.63 -19.97 20.62
N LYS C 112 -9.74 -21.20 21.09
CA LYS C 112 -8.84 -22.27 20.71
C LYS C 112 -8.91 -22.58 19.20
N ASP C 113 -10.05 -22.28 18.59
CA ASP C 113 -10.25 -22.52 17.15
C ASP C 113 -9.52 -21.50 16.29
N LEU C 114 -9.38 -20.29 16.82
CA LEU C 114 -8.81 -19.17 16.07
C LEU C 114 -7.29 -19.20 16.08
N PRO C 115 -6.66 -18.71 15.02
CA PRO C 115 -5.20 -18.60 14.97
C PRO C 115 -4.70 -17.33 15.66
N LEU C 116 -4.90 -17.26 16.97
CA LEU C 116 -4.49 -16.09 17.75
C LEU C 116 -2.98 -15.96 17.84
N LYS C 117 -2.47 -14.74 17.76
CA LYS C 117 -1.05 -14.50 17.73
C LYS C 117 -0.52 -13.70 18.93
N GLY C 118 -1.42 -13.29 19.82
CA GLY C 118 -1.02 -12.53 20.99
C GLY C 118 -1.02 -11.02 20.78
N ASP C 119 -0.40 -10.30 21.71
CA ASP C 119 -0.40 -8.84 21.69
C ASP C 119 0.57 -8.24 20.67
N ILE C 120 0.26 -7.04 20.20
CA ILE C 120 1.25 -6.24 19.51
C ILE C 120 2.02 -5.46 20.57
N GLU C 121 3.35 -5.62 20.58
CA GLU C 121 4.17 -4.96 21.58
C GLU C 121 5.24 -4.11 20.92
N ILE C 122 5.13 -2.80 21.09
CA ILE C 122 6.11 -1.88 20.55
C ILE C 122 6.92 -1.24 21.67
N GLY C 123 8.24 -1.26 21.53
CA GLY C 123 9.12 -0.80 22.59
C GLY C 123 9.22 0.71 22.69
N ASN C 124 10.35 1.20 23.17
CA ASN C 124 10.54 2.62 23.38
C ASN C 124 11.41 3.20 22.28
N ASP C 125 11.20 4.49 22.00
CA ASP C 125 12.05 5.23 21.07
C ASP C 125 12.02 4.59 19.69
N VAL C 126 10.84 4.11 19.31
CA VAL C 126 10.65 3.47 18.01
C VAL C 126 10.08 4.46 17.00
N TRP C 127 10.69 4.49 15.81
CA TRP C 127 10.25 5.35 14.73
C TRP C 127 9.48 4.50 13.71
N ILE C 128 8.19 4.78 13.56
CA ILE C 128 7.38 4.06 12.59
C ILE C 128 7.01 4.98 11.44
N GLY C 129 7.39 4.58 10.24
CA GLY C 129 7.17 5.40 9.07
C GLY C 129 5.72 5.54 8.66
N ARG C 130 5.50 6.41 7.68
CA ARG C 130 4.19 6.68 7.12
C ARG C 130 3.54 5.43 6.52
N ASP C 131 2.23 5.29 6.73
CA ASP C 131 1.43 4.23 6.11
C ASP C 131 1.93 2.82 6.35
N VAL C 132 2.49 2.61 7.54
CA VAL C 132 2.93 1.28 7.94
C VAL C 132 1.72 0.43 8.42
N THR C 133 1.76 -0.86 8.10
CA THR C 133 0.73 -1.78 8.60
C THR C 133 1.38 -2.78 9.55
N ILE C 134 0.84 -2.88 10.75
CA ILE C 134 1.37 -3.79 11.76
C ILE C 134 0.42 -4.96 11.96
N MET C 135 0.93 -6.18 11.74
CA MET C 135 0.11 -7.39 11.79
C MET C 135 0.02 -7.94 13.21
N PRO C 136 -1.00 -8.79 13.49
CA PRO C 136 -1.23 -9.29 14.85
C PRO C 136 -0.04 -10.03 15.47
N GLY C 137 0.18 -9.80 16.76
CA GLY C 137 1.18 -10.53 17.52
C GLY C 137 2.61 -10.07 17.36
N VAL C 138 2.82 -9.05 16.53
CA VAL C 138 4.17 -8.56 16.26
C VAL C 138 4.81 -7.88 17.49
N LYS C 139 6.10 -8.16 17.71
CA LYS C 139 6.88 -7.47 18.74
C LYS C 139 7.97 -6.61 18.08
N ILE C 140 7.98 -5.33 18.42
CA ILE C 140 8.98 -4.42 17.87
C ILE C 140 9.90 -3.88 18.97
N GLY C 141 11.18 -4.18 18.86
CA GLY C 141 12.13 -3.85 19.91
C GLY C 141 12.47 -2.37 20.01
N ASP C 142 13.06 -1.97 21.15
CA ASP C 142 13.46 -0.59 21.39
C ASP C 142 14.33 -0.03 20.26
N GLY C 143 14.05 1.22 19.89
CA GLY C 143 14.93 1.95 19.00
C GLY C 143 14.90 1.47 17.56
N ALA C 144 13.93 0.63 17.22
CA ALA C 144 13.81 0.16 15.84
C ALA C 144 13.30 1.28 14.94
N ILE C 145 13.50 1.11 13.65
CA ILE C 145 12.97 2.03 12.65
C ILE C 145 12.23 1.22 11.58
N ILE C 146 10.96 1.55 11.38
CA ILE C 146 10.16 0.88 10.36
C ILE C 146 9.96 1.80 9.17
N ALA C 147 10.47 1.39 8.02
CA ALA C 147 10.39 2.18 6.80
C ALA C 147 8.94 2.47 6.38
N ALA C 148 8.76 3.58 5.69
CA ALA C 148 7.46 3.99 5.19
C ALA C 148 6.89 2.87 4.30
N GLU C 149 5.59 2.67 4.38
CA GLU C 149 4.85 1.70 3.56
C GLU C 149 5.15 0.24 3.92
N ALA C 150 5.85 0.02 5.01
CA ALA C 150 6.17 -1.36 5.41
C ALA C 150 4.95 -2.14 5.89
N VAL C 151 5.02 -3.45 5.71
CA VAL C 151 4.02 -4.34 6.27
C VAL C 151 4.74 -5.26 7.23
N VAL C 152 4.61 -4.98 8.52
CA VAL C 152 5.35 -5.70 9.54
C VAL C 152 4.69 -7.04 9.81
N THR C 153 5.28 -8.09 9.26
CA THR C 153 4.69 -9.41 9.27
C THR C 153 5.41 -10.34 10.24
N LYS C 154 6.47 -9.81 10.87
CA LYS C 154 7.26 -10.62 11.80
C LYS C 154 7.92 -9.69 12.82
N ASN C 155 8.48 -10.29 13.88
CA ASN C 155 9.10 -9.50 14.93
C ASN C 155 10.30 -8.70 14.45
N VAL C 156 10.51 -7.54 15.07
CA VAL C 156 11.63 -6.67 14.74
C VAL C 156 12.62 -6.54 15.90
N ALA C 157 13.88 -6.87 15.64
CA ALA C 157 14.91 -6.80 16.66
C ALA C 157 15.17 -5.34 17.05
N PRO C 158 15.60 -5.13 18.29
CA PRO C 158 15.91 -3.77 18.77
C PRO C 158 16.98 -3.11 17.91
N TYR C 159 16.82 -1.81 17.69
CA TYR C 159 17.80 -1.00 16.97
C TYR C 159 18.13 -1.53 15.57
N SER C 160 17.12 -2.11 14.92
CA SER C 160 17.29 -2.56 13.56
C SER C 160 16.39 -1.73 12.64
N ILE C 161 16.74 -1.68 11.36
CA ILE C 161 15.93 -0.99 10.37
C ILE C 161 15.35 -2.03 9.44
N VAL C 162 14.05 -1.93 9.20
CA VAL C 162 13.37 -2.92 8.37
C VAL C 162 12.37 -2.21 7.48
N GLY C 163 11.97 -2.88 6.40
CA GLY C 163 10.97 -2.34 5.51
C GLY C 163 10.45 -3.36 4.53
N GLY C 164 9.39 -3.00 3.81
CA GLY C 164 8.96 -3.81 2.69
C GLY C 164 7.68 -4.59 2.96
N ASN C 165 7.18 -5.24 1.92
CA ASN C 165 5.98 -6.06 2.01
C ASN C 165 6.22 -7.32 1.17
N PRO C 166 6.52 -8.45 1.83
CA PRO C 166 6.62 -8.63 3.29
C PRO C 166 7.91 -8.04 3.86
N LEU C 167 7.99 -8.01 5.18
CA LEU C 167 9.08 -7.35 5.87
C LEU C 167 10.46 -7.93 5.53
N LYS C 168 11.40 -7.03 5.24
CA LYS C 168 12.77 -7.40 4.96
C LYS C 168 13.67 -6.71 5.98
N PHE C 169 14.76 -7.39 6.33
CA PHE C 169 15.74 -6.79 7.22
C PHE C 169 16.65 -5.88 6.40
N ILE C 170 16.78 -4.62 6.84
CA ILE C 170 17.67 -3.70 6.16
C ILE C 170 19.06 -3.70 6.80
N ARG C 171 19.14 -3.26 8.05
CA ARG C 171 20.41 -3.27 8.78
C ARG C 171 20.25 -2.98 10.27
N LYS C 172 21.25 -3.37 11.05
CA LYS C 172 21.35 -2.95 12.45
C LYS C 172 21.88 -1.51 12.50
N ARG C 173 21.28 -0.67 13.34
CA ARG C 173 21.68 0.74 13.43
C ARG C 173 23.08 0.91 13.98
N PHE C 174 23.44 0.08 14.95
CA PHE C 174 24.75 0.14 15.58
C PHE C 174 25.34 -1.24 15.77
N SER C 175 26.57 -1.30 16.27
CA SER C 175 27.22 -2.57 16.56
C SER C 175 26.50 -3.26 17.72
N ASP C 176 26.70 -4.56 17.84
CA ASP C 176 26.03 -5.32 18.88
C ASP C 176 26.37 -4.79 20.26
N GLY C 177 27.61 -4.37 20.44
CA GLY C 177 28.08 -3.86 21.72
C GLY C 177 27.40 -2.55 22.09
N VAL C 178 27.29 -1.65 21.12
CA VAL C 178 26.67 -0.35 21.34
C VAL C 178 25.17 -0.51 21.64
N ILE C 179 24.53 -1.44 20.93
CA ILE C 179 23.12 -1.72 21.14
C ILE C 179 22.87 -2.16 22.58
N GLU C 180 23.69 -3.09 23.06
CA GLU C 180 23.55 -3.59 24.41
C GLU C 180 23.72 -2.47 25.43
N GLU C 181 24.57 -1.50 25.09
CA GLU C 181 24.78 -0.36 25.98
C GLU C 181 23.54 0.52 26.04
N TRP C 182 22.88 0.72 24.91
CA TRP C 182 21.64 1.50 24.90
C TRP C 182 20.54 0.77 25.67
N LEU C 183 20.50 -0.55 25.51
CA LEU C 183 19.49 -1.36 26.17
C LEU C 183 19.70 -1.40 27.68
N ALA C 184 20.97 -1.38 28.09
CA ALA C 184 21.29 -1.37 29.51
C ALA C 184 20.97 -0.01 30.10
N LEU C 185 21.20 1.03 29.31
CA LEU C 185 20.99 2.40 29.76
C LEU C 185 19.49 2.73 29.96
N GLN C 186 18.67 2.42 28.96
CA GLN C 186 17.23 2.74 29.00
C GLN C 186 16.98 4.20 29.35
N TRP C 187 17.38 5.12 28.47
CA TRP C 187 17.30 6.53 28.81
C TRP C 187 15.86 6.98 28.98
N TRP C 188 14.95 6.24 28.34
CA TRP C 188 13.54 6.59 28.34
C TRP C 188 12.91 6.37 29.73
N ASN C 189 13.59 5.62 30.57
CA ASN C 189 13.07 5.35 31.91
C ASN C 189 13.75 6.22 32.96
N LEU C 190 14.68 7.06 32.53
CA LEU C 190 15.32 7.99 33.45
C LEU C 190 14.33 9.10 33.75
N ASP C 191 14.55 9.77 34.87
CA ASP C 191 13.72 10.89 35.27
C ASP C 191 13.88 12.02 34.26
N MET C 192 12.80 12.76 34.02
CA MET C 192 12.78 13.79 33.00
C MET C 192 13.86 14.86 33.21
N LYS C 193 14.20 15.11 34.46
CA LYS C 193 15.27 16.04 34.78
C LYS C 193 16.62 15.52 34.30
N ILE C 194 16.81 14.22 34.43
CA ILE C 194 18.04 13.57 33.99
C ILE C 194 18.07 13.50 32.47
N ILE C 195 16.92 13.21 31.87
CA ILE C 195 16.83 13.15 30.42
C ILE C 195 17.16 14.51 29.82
N ASN C 196 16.56 15.55 30.37
CA ASN C 196 16.79 16.90 29.91
C ASN C 196 18.26 17.30 29.91
N GLU C 197 18.96 16.97 30.97
CA GLU C 197 20.37 17.32 31.10
C GLU C 197 21.22 16.49 30.15
N ASN C 198 20.69 15.36 29.70
CA ASN C 198 21.46 14.46 28.86
C ASN C 198 21.02 14.45 27.39
N LEU C 199 20.04 15.29 27.08
CA LEU C 199 19.49 15.35 25.72
C LEU C 199 20.52 15.51 24.57
N PRO C 200 21.56 16.35 24.76
CA PRO C 200 22.54 16.45 23.67
C PRO C 200 23.18 15.12 23.30
N PHE C 201 23.39 14.25 24.28
CA PHE C 201 24.06 12.98 24.03
C PHE C 201 23.10 11.90 23.56
N ILE C 202 21.84 12.01 23.98
CA ILE C 202 20.82 11.10 23.53
C ILE C 202 20.56 11.32 22.04
N ILE C 203 20.61 12.58 21.63
CA ILE C 203 20.38 12.95 20.24
C ILE C 203 21.57 12.62 19.34
N ASN C 204 22.78 12.96 19.77
CA ASN C 204 23.93 12.76 18.88
C ASN C 204 24.47 11.33 18.96
N GLY C 205 23.92 10.54 19.86
CA GLY C 205 24.29 9.15 19.98
C GLY C 205 25.61 8.89 20.70
N ASP C 206 26.07 9.85 21.49
CA ASP C 206 27.31 9.69 22.25
C ASP C 206 27.08 8.78 23.45
N ILE C 207 27.15 7.48 23.20
CA ILE C 207 26.82 6.49 24.23
C ILE C 207 27.87 6.46 25.35
N GLU C 208 29.13 6.68 25.01
CA GLU C 208 30.22 6.61 25.99
C GLU C 208 30.09 7.72 27.02
N MET C 209 29.66 8.89 26.57
CA MET C 209 29.44 10.00 27.45
C MET C 209 28.28 9.71 28.43
N LEU C 210 27.22 9.12 27.89
CA LEU C 210 26.04 8.79 28.70
C LEU C 210 26.37 7.79 29.80
N LYS C 211 27.30 6.88 29.51
CA LYS C 211 27.73 5.90 30.50
C LYS C 211 28.49 6.56 31.64
N ARG C 212 29.18 7.65 31.35
CA ARG C 212 29.92 8.37 32.37
C ARG C 212 28.96 9.16 33.26
N LYS C 213 28.06 9.88 32.64
CA LYS C 213 27.05 10.58 33.40
C LYS C 213 26.25 9.52 34.17
N ARG C 214 26.45 8.29 33.72
CA ARG C 214 25.81 7.09 34.22
C ARG C 214 26.25 6.88 35.64
N LYS C 215 27.39 7.46 35.99
CA LYS C 215 27.92 7.34 37.35
C LYS C 215 27.28 8.36 38.26
N LEU C 216 25.99 8.12 38.49
CA LEU C 216 25.29 8.71 39.64
C LEU C 216 23.80 8.83 39.35
#